data_4PH8
#
_entry.id   4PH8
#
_cell.length_a   77.832
_cell.length_b   80.172
_cell.length_c   91.416
_cell.angle_alpha   90.000
_cell.angle_beta   90.000
_cell.angle_gamma   90.000
#
_symmetry.space_group_name_H-M   'C 2 2 21'
#
loop_
_entity.id
_entity.type
_entity.pdbx_description
1 polymer 'Aggregative adherence fimbrial subunit AggA'
2 non-polymer GLYCEROL
3 water water
#
_entity_poly.entity_id   1
_entity_poly.type   'polypeptide(L)'
_entity_poly.pdbx_seq_one_letter_code
;ASQHHHHHHVTNDCPVTITTTPPQTVGVSSTTPIGFSAKVTTSDQCIKAGAKVWLWGTGPANKWVLQHAKVAKQKYTLNP
SIDGGADFVNQGTDAKIYKKLTSGNKFLNASVSVNPKTQVLIPGEYTMILHAAVDFDNKQGGASQQTTQTIRLTVT
;
_entity_poly.pdbx_strand_id   A,B
#
loop_
_chem_comp.id
_chem_comp.type
_chem_comp.name
_chem_comp.formula
GOL non-polymer GLYCEROL 'C3 H8 O3'
#
# COMPACT_ATOMS: atom_id res chain seq x y z
N HIS A 7 -19.73 15.35 -6.42
CA HIS A 7 -20.36 15.64 -7.74
C HIS A 7 -19.90 14.71 -8.89
N HIS A 8 -18.71 14.11 -8.75
CA HIS A 8 -18.21 13.18 -9.76
C HIS A 8 -17.74 11.81 -9.24
N HIS A 9 -17.81 10.84 -10.13
CA HIS A 9 -17.23 9.54 -9.87
C HIS A 9 -16.28 9.20 -11.01
N VAL A 10 -15.34 8.31 -10.72
CA VAL A 10 -14.39 7.84 -11.74
C VAL A 10 -14.73 6.42 -12.16
N THR A 11 -14.19 5.99 -13.29
CA THR A 11 -14.38 4.59 -13.71
C THR A 11 -13.08 3.76 -13.64
N ASN A 12 -11.95 4.42 -13.37
CA ASN A 12 -10.73 3.73 -12.93
C ASN A 12 -10.38 4.22 -11.55
N ASP A 13 -10.11 3.29 -10.66
CA ASP A 13 -9.89 3.65 -9.27
C ASP A 13 -8.68 4.57 -9.16
N CYS A 14 -8.80 5.51 -8.24
CA CYS A 14 -7.78 6.53 -8.08
C CYS A 14 -6.52 5.92 -7.57
N PRO A 15 -5.38 6.31 -8.13
CA PRO A 15 -4.13 5.88 -7.51
C PRO A 15 -3.88 6.62 -6.21
N VAL A 16 -3.14 5.98 -5.31
CA VAL A 16 -2.62 6.67 -4.13
C VAL A 16 -1.11 6.68 -4.26
N THR A 17 -0.56 7.87 -4.44
CA THR A 17 0.82 8.07 -4.81
C THR A 17 1.51 8.76 -3.64
N ILE A 18 2.32 7.99 -2.93
CA ILE A 18 3.07 8.50 -1.76
C ILE A 18 4.56 8.48 -2.05
N THR A 19 5.23 9.54 -1.66
CA THR A 19 6.68 9.52 -1.55
C THR A 19 7.07 9.94 -0.14
N THR A 20 8.26 9.52 0.27
CA THR A 20 8.82 9.91 1.55
C THR A 20 10.28 10.33 1.41
N THR A 21 10.80 10.92 2.47
CA THR A 21 12.23 11.15 2.62
C THR A 21 12.99 9.85 2.34
N PRO A 22 14.10 9.95 1.60
CA PRO A 22 14.89 8.75 1.46
C PRO A 22 15.60 8.36 2.77
N PRO A 23 16.19 7.18 2.82
CA PRO A 23 16.89 6.77 4.03
C PRO A 23 17.94 7.77 4.47
N GLN A 24 18.03 7.96 5.78
CA GLN A 24 19.03 8.86 6.35
C GLN A 24 19.91 8.10 7.34
N THR A 25 21.14 8.60 7.48
CA THR A 25 22.12 8.07 8.46
CA THR A 25 22.10 8.06 8.46
C THR A 25 22.64 9.22 9.29
N VAL A 26 22.74 9.01 10.60
CA VAL A 26 23.23 10.05 11.50
C VAL A 26 24.05 9.43 12.62
N GLY A 27 24.98 10.20 13.16
CA GLY A 27 25.79 9.76 14.29
C GLY A 27 25.01 9.86 15.59
N VAL A 28 25.28 8.94 16.52
CA VAL A 28 24.59 8.89 17.81
C VAL A 28 24.72 10.21 18.59
N SER A 29 25.81 10.94 18.37
CA SER A 29 26.09 12.18 19.12
C SER A 29 25.62 13.46 18.40
N SER A 30 25.02 13.31 17.22
CA SER A 30 24.50 14.49 16.50
C SER A 30 23.37 15.13 17.30
N THR A 31 23.32 16.45 17.28
CA THR A 31 22.27 17.22 17.97
C THR A 31 21.30 17.92 17.00
N THR A 32 21.56 17.79 15.70
CA THR A 32 20.72 18.40 14.66
C THR A 32 19.37 17.71 14.63
N PRO A 33 18.28 18.48 14.45
CA PRO A 33 16.99 17.88 14.22
C PRO A 33 17.00 16.99 12.97
N ILE A 34 16.34 15.85 13.06
CA ILE A 34 16.21 14.91 11.94
C ILE A 34 14.79 15.02 11.42
N GLY A 35 14.65 15.42 10.16
CA GLY A 35 13.33 15.55 9.54
C GLY A 35 12.95 14.35 8.71
N PHE A 36 11.66 14.02 8.75
CA PHE A 36 11.08 12.97 7.92
C PHE A 36 9.77 13.53 7.37
N SER A 37 9.51 13.32 6.09
CA SER A 37 8.30 13.83 5.53
C SER A 37 7.74 12.89 4.50
N ALA A 38 6.45 13.06 4.27
CA ALA A 38 5.69 12.27 3.33
C ALA A 38 4.77 13.20 2.53
N LYS A 39 4.47 12.77 1.32
CA LYS A 39 3.65 13.54 0.40
C LYS A 39 2.73 12.55 -0.31
N VAL A 40 1.46 12.93 -0.44
CA VAL A 40 0.45 12.05 -1.05
C VAL A 40 -0.30 12.83 -2.14
N THR A 41 -0.54 12.18 -3.26
CA THR A 41 -1.33 12.78 -4.32
C THR A 41 -2.07 11.67 -5.03
N THR A 42 -2.82 12.07 -6.05
CA THR A 42 -3.50 11.11 -6.90
C THR A 42 -3.55 11.70 -8.32
N SER A 43 -4.27 11.05 -9.23
CA SER A 43 -4.29 11.48 -10.65
C SER A 43 -5.04 12.79 -10.86
N ASP A 44 -4.74 13.47 -11.96
CA ASP A 44 -5.44 14.71 -12.30
C ASP A 44 -6.95 14.48 -12.42
N GLN A 45 -7.36 13.37 -13.02
CA GLN A 45 -8.79 13.07 -13.13
C GLN A 45 -9.43 12.86 -11.77
N CYS A 46 -8.74 12.20 -10.86
CA CYS A 46 -9.28 12.02 -9.52
C CYS A 46 -9.37 13.32 -8.71
N ILE A 47 -8.44 14.23 -8.96
CA ILE A 47 -8.50 15.54 -8.32
C ILE A 47 -9.71 16.32 -8.85
N LYS A 48 -9.94 16.24 -10.15
CA LYS A 48 -11.09 16.91 -10.74
C LYS A 48 -12.38 16.34 -10.18
N ALA A 49 -12.36 15.04 -9.85
CA ALA A 49 -13.53 14.34 -9.34
C ALA A 49 -13.82 14.60 -7.87
N GLY A 50 -12.86 15.15 -7.13
CA GLY A 50 -13.05 15.53 -5.73
C GLY A 50 -12.38 14.64 -4.68
N ALA A 51 -11.32 13.95 -5.07
CA ALA A 51 -10.63 12.98 -4.22
C ALA A 51 -10.07 13.59 -2.95
N LYS A 52 -10.09 12.81 -1.89
CA LYS A 52 -9.56 13.20 -0.60
C LYS A 52 -8.45 12.21 -0.30
N VAL A 53 -7.28 12.72 0.05
CA VAL A 53 -6.17 11.86 0.38
C VAL A 53 -5.93 11.88 1.87
N TRP A 54 -5.29 10.81 2.35
CA TRP A 54 -5.09 10.56 3.76
C TRP A 54 -3.67 10.10 4.00
N LEU A 55 -3.21 10.39 5.21
CA LEU A 55 -1.93 9.95 5.70
C LEU A 55 -2.06 9.66 7.18
N TRP A 56 -1.49 8.55 7.62
CA TRP A 56 -1.53 8.21 9.04
C TRP A 56 -0.41 7.26 9.41
N GLY A 57 -0.11 7.23 10.71
CA GLY A 57 0.90 6.35 11.27
C GLY A 57 0.27 5.22 12.05
N THR A 58 1.11 4.45 12.71
CA THR A 58 0.71 3.22 13.39
C THR A 58 0.61 3.37 14.91
N GLY A 59 0.89 4.55 15.42
CA GLY A 59 0.93 4.78 16.85
C GLY A 59 -0.42 5.14 17.43
N PRO A 60 -0.45 5.45 18.74
CA PRO A 60 -1.71 5.90 19.34
C PRO A 60 -2.18 7.16 18.64
N ALA A 61 -3.48 7.25 18.42
CA ALA A 61 -4.08 8.37 17.73
C ALA A 61 -3.47 8.58 16.34
N ASN A 62 -3.00 7.50 15.73
CA ASN A 62 -2.39 7.50 14.39
C ASN A 62 -1.14 8.35 14.28
N LYS A 63 -0.45 8.53 15.40
CA LYS A 63 0.83 9.22 15.41
C LYS A 63 1.88 8.34 14.71
N TRP A 64 2.96 8.98 14.25
CA TRP A 64 3.96 8.27 13.49
C TRP A 64 4.97 7.66 14.44
N VAL A 65 5.33 6.40 14.22
CA VAL A 65 6.24 5.69 15.16
C VAL A 65 7.56 5.33 14.49
N LEU A 66 8.65 5.90 15.01
CA LEU A 66 9.99 5.52 14.59
C LEU A 66 10.44 4.40 15.51
N GLN A 67 10.55 3.20 14.95
CA GLN A 67 10.62 1.94 15.72
C GLN A 67 11.96 1.22 15.53
N HIS A 68 12.62 0.89 16.63
CA HIS A 68 13.91 0.17 16.56
C HIS A 68 13.65 -1.25 16.08
N ALA A 69 14.51 -1.74 15.20
CA ALA A 69 14.31 -3.03 14.54
C ALA A 69 14.41 -4.20 15.53
N LYS A 70 15.36 -4.10 16.46
CA LYS A 70 15.65 -5.17 17.42
C LYS A 70 14.88 -5.12 18.75
N VAL A 71 14.58 -3.93 19.28
CA VAL A 71 14.05 -3.81 20.65
C VAL A 71 12.66 -3.14 20.68
N ALA A 72 11.63 -3.96 20.90
CA ALA A 72 10.23 -3.54 20.72
C ALA A 72 9.88 -2.23 21.44
N LYS A 73 10.37 -2.10 22.67
CA LYS A 73 10.06 -0.96 23.53
C LYS A 73 10.77 0.33 23.12
N GLN A 74 11.81 0.24 22.29
CA GLN A 74 12.54 1.42 21.85
C GLN A 74 11.88 2.02 20.61
N LYS A 75 11.24 3.16 20.79
CA LYS A 75 10.47 3.78 19.72
C LYS A 75 10.17 5.22 20.07
N TYR A 76 9.90 6.05 19.08
CA TYR A 76 9.43 7.40 19.35
C TYR A 76 8.15 7.64 18.60
N THR A 77 7.15 8.06 19.35
CA THR A 77 5.84 8.38 18.80
C THR A 77 5.87 9.86 18.49
N LEU A 78 5.62 10.20 17.23
CA LEU A 78 5.86 11.54 16.73
C LEU A 78 4.56 12.16 16.23
N ASN A 79 4.34 13.41 16.62
CA ASN A 79 3.15 14.14 16.20
C ASN A 79 3.45 14.90 14.91
N PRO A 80 2.65 14.64 13.86
CA PRO A 80 2.92 15.30 12.59
C PRO A 80 2.56 16.78 12.53
N SER A 81 3.27 17.48 11.66
CA SER A 81 2.89 18.77 11.13
C SER A 81 2.44 18.58 9.70
N ILE A 82 1.46 19.36 9.29
CA ILE A 82 0.80 19.20 8.00
C ILE A 82 0.70 20.53 7.29
N ASP A 83 0.55 20.47 5.96
CA ASP A 83 0.45 21.70 5.19
C ASP A 83 -0.85 22.47 5.53
N GLY A 84 -0.87 23.73 5.13
CA GLY A 84 -1.95 24.61 5.50
C GLY A 84 -3.30 24.26 4.94
N GLY A 85 -3.34 23.42 3.90
CA GLY A 85 -4.60 23.00 3.32
C GLY A 85 -5.16 21.68 3.81
N ALA A 86 -4.42 21.03 4.69
CA ALA A 86 -4.80 19.71 5.23
C ALA A 86 -5.46 19.91 6.58
N ASP A 87 -6.02 18.84 7.11
CA ASP A 87 -6.65 18.86 8.43
C ASP A 87 -6.36 17.56 9.16
N PHE A 88 -6.43 17.61 10.48
CA PHE A 88 -6.43 16.44 11.33
C PHE A 88 -7.88 16.03 11.59
N VAL A 89 -8.08 14.73 11.71
CA VAL A 89 -9.37 14.16 12.07
C VAL A 89 -9.87 14.74 13.40
N ASN A 90 -11.15 15.11 13.40
CA ASN A 90 -11.85 15.56 14.61
C ASN A 90 -11.19 16.75 15.32
N GLN A 91 -10.90 17.78 14.52
CA GLN A 91 -10.28 19.04 15.00
C GLN A 91 -8.99 18.84 15.80
N GLY A 92 -8.30 17.73 15.57
CA GLY A 92 -7.01 17.48 16.21
C GLY A 92 -7.01 16.58 17.42
N THR A 93 -8.13 15.92 17.73
CA THR A 93 -8.12 14.92 18.79
C THR A 93 -7.43 13.64 18.32
N ASP A 94 -7.33 13.47 17.00
CA ASP A 94 -6.57 12.37 16.39
C ASP A 94 -5.58 12.92 15.36
N ALA A 95 -4.48 12.21 15.14
CA ALA A 95 -3.41 12.69 14.24
C ALA A 95 -3.57 12.22 12.80
N LYS A 96 -4.59 11.41 12.50
CA LYS A 96 -4.84 11.03 11.11
C LYS A 96 -5.11 12.30 10.28
N ILE A 97 -4.53 12.37 9.09
CA ILE A 97 -4.57 13.57 8.27
C ILE A 97 -5.35 13.32 7.00
N TYR A 98 -6.15 14.30 6.59
CA TYR A 98 -6.77 14.25 5.28
C TYR A 98 -6.65 15.58 4.58
N LYS A 99 -6.89 15.54 3.28
CA LYS A 99 -6.94 16.75 2.48
C LYS A 99 -7.74 16.52 1.23
N LYS A 100 -8.71 17.41 0.97
CA LYS A 100 -9.44 17.43 -0.28
C LYS A 100 -8.54 18.17 -1.28
N LEU A 101 -8.05 17.45 -2.25
CA LEU A 101 -7.14 18.02 -3.25
C LEU A 101 -7.91 18.86 -4.27
N THR A 102 -7.23 19.83 -4.85
CA THR A 102 -7.76 20.63 -5.94
C THR A 102 -6.69 20.82 -7.01
N SER A 103 -7.09 21.33 -8.16
CA SER A 103 -6.18 21.49 -9.29
C SER A 103 -5.03 22.44 -8.97
N GLY A 104 -5.27 23.38 -8.06
CA GLY A 104 -4.27 24.34 -7.63
C GLY A 104 -3.52 23.92 -6.38
N ASN A 105 -3.88 22.77 -5.83
CA ASN A 105 -3.35 22.31 -4.56
C ASN A 105 -3.37 20.79 -4.52
N LYS A 106 -2.39 20.17 -5.18
CA LYS A 106 -2.51 18.76 -5.56
C LYS A 106 -1.84 17.75 -4.61
N PHE A 107 -1.17 18.26 -3.59
CA PHE A 107 -0.43 17.41 -2.65
C PHE A 107 -0.83 17.64 -1.23
N LEU A 108 -0.91 16.54 -0.48
CA LEU A 108 -0.88 16.55 0.97
C LEU A 108 0.55 16.34 1.41
N ASN A 109 1.07 17.28 2.19
CA ASN A 109 2.43 17.18 2.74
C ASN A 109 2.36 17.18 4.25
N ALA A 110 3.16 16.32 4.85
CA ALA A 110 3.27 16.22 6.31
C ALA A 110 4.69 15.84 6.69
N SER A 111 5.07 16.26 7.89
CA SER A 111 6.38 15.95 8.42
C SER A 111 6.40 15.71 9.93
N VAL A 112 7.44 15.01 10.38
CA VAL A 112 7.75 14.87 11.80
C VAL A 112 9.22 15.17 11.98
N SER A 113 9.63 15.30 13.23
CA SER A 113 11.02 15.56 13.54
C SER A 113 11.43 14.82 14.81
N VAL A 114 12.64 14.29 14.81
CA VAL A 114 13.25 13.77 16.01
C VAL A 114 14.29 14.78 16.48
N ASN A 115 14.13 15.23 17.72
CA ASN A 115 15.09 16.12 18.37
C ASN A 115 15.97 15.29 19.29
N PRO A 116 17.23 15.05 18.89
CA PRO A 116 18.10 14.24 19.75
C PRO A 116 18.29 14.82 21.15
N LYS A 117 18.11 16.13 21.31
CA LYS A 117 18.31 16.80 22.59
C LYS A 117 17.26 16.41 23.64
N THR A 118 16.04 16.13 23.20
CA THR A 118 14.97 15.70 24.10
C THR A 118 14.58 14.22 23.93
N GLN A 119 15.07 13.59 22.87
CA GLN A 119 14.73 12.20 22.55
C GLN A 119 16.02 11.48 22.22
N VAL A 120 16.51 10.68 23.17
CA VAL A 120 17.85 10.08 23.05
C VAL A 120 18.01 9.12 21.86
N LEU A 121 19.15 9.25 21.22
CA LEU A 121 19.48 8.54 19.99
C LEU A 121 20.27 7.25 20.33
N ILE A 122 19.69 6.10 19.98
CA ILE A 122 20.31 4.80 20.19
C ILE A 122 20.79 4.24 18.85
N PRO A 123 22.03 3.71 18.80
CA PRO A 123 22.50 3.14 17.52
C PRO A 123 21.64 1.98 17.02
N GLY A 124 21.62 1.79 15.70
CA GLY A 124 20.87 0.69 15.07
C GLY A 124 19.99 1.15 13.91
N GLU A 125 19.09 0.27 13.47
CA GLU A 125 18.14 0.58 12.39
C GLU A 125 16.77 0.94 12.94
N TYR A 126 16.18 2.01 12.40
CA TYR A 126 14.82 2.40 12.74
C TYR A 126 14.00 2.39 11.48
N THR A 127 12.74 1.96 11.60
CA THR A 127 11.77 2.10 10.51
C THR A 127 10.54 2.85 11.01
N MET A 128 9.86 3.53 10.10
CA MET A 128 8.63 4.22 10.42
C MET A 128 7.63 3.96 9.31
N ILE A 129 6.53 3.28 9.66
CA ILE A 129 5.54 2.87 8.68
C ILE A 129 4.54 3.98 8.53
N LEU A 130 4.29 4.38 7.29
CA LEU A 130 3.24 5.33 7.02
C LEU A 130 2.22 4.71 6.09
N HIS A 131 0.97 5.03 6.36
CA HIS A 131 -0.12 4.58 5.54
C HIS A 131 -0.67 5.78 4.81
N ALA A 132 -1.10 5.56 3.57
CA ALA A 132 -1.73 6.62 2.80
C ALA A 132 -2.94 6.05 2.07
N ALA A 133 -3.91 6.90 1.81
CA ALA A 133 -5.08 6.46 1.06
C ALA A 133 -5.67 7.58 0.25
N VAL A 134 -6.56 7.19 -0.66
CA VAL A 134 -7.35 8.11 -1.44
C VAL A 134 -8.80 7.62 -1.43
N ASP A 135 -9.71 8.53 -1.12
CA ASP A 135 -11.16 8.29 -1.11
C ASP A 135 -11.76 8.95 -2.34
N PHE A 136 -12.67 8.24 -3.00
CA PHE A 136 -13.27 8.71 -4.21
C PHE A 136 -14.56 7.95 -4.39
N ASP A 137 -15.30 8.29 -5.42
CA ASP A 137 -16.51 7.55 -5.78
C ASP A 137 -16.22 6.87 -7.10
N ASN A 138 -16.59 5.59 -7.20
CA ASN A 138 -16.57 4.92 -8.49
C ASN A 138 -18.00 4.47 -8.79
N LYS A 139 -18.19 3.58 -9.75
CA LYS A 139 -19.56 3.20 -10.12
C LYS A 139 -20.34 2.48 -9.01
N GLN A 140 -19.64 1.87 -8.04
CA GLN A 140 -20.32 1.24 -6.91
C GLN A 140 -20.39 2.15 -5.68
N GLY A 141 -20.09 3.43 -5.84
CA GLY A 141 -20.18 4.38 -4.74
C GLY A 141 -18.84 4.65 -4.11
N GLY A 142 -18.87 4.87 -2.80
CA GLY A 142 -17.68 5.27 -2.05
C GLY A 142 -16.67 4.16 -2.08
N ALA A 143 -15.41 4.53 -2.28
CA ALA A 143 -14.35 3.55 -2.38
C ALA A 143 -13.08 4.19 -1.90
N SER A 144 -12.10 3.37 -1.55
CA SER A 144 -10.78 3.89 -1.23
C SER A 144 -9.70 2.91 -1.65
N GLN A 145 -8.52 3.44 -1.95
CA GLN A 145 -7.32 2.67 -2.18
C GLN A 145 -6.28 3.15 -1.18
N GLN A 146 -5.51 2.22 -0.64
CA GLN A 146 -4.51 2.56 0.32
C GLN A 146 -3.20 1.85 0.05
N THR A 147 -2.13 2.42 0.54
CA THR A 147 -0.83 1.83 0.40
C THR A 147 -0.01 2.19 1.61
N THR A 148 1.22 1.72 1.62
CA THR A 148 2.10 1.95 2.72
C THR A 148 3.51 2.19 2.18
N GLN A 149 4.28 2.95 2.94
CA GLN A 149 5.69 3.11 2.67
C GLN A 149 6.40 3.25 3.99
N THR A 150 7.63 2.78 4.03
CA THR A 150 8.40 2.71 5.24
C THR A 150 9.57 3.66 5.12
N ILE A 151 9.65 4.59 6.05
CA ILE A 151 10.75 5.51 6.20
C ILE A 151 11.87 4.89 7.07
N ARG A 152 13.11 5.12 6.68
CA ARG A 152 14.27 4.51 7.35
C ARG A 152 15.25 5.52 7.93
N LEU A 153 15.79 5.18 9.11
CA LEU A 153 16.87 5.94 9.72
C LEU A 153 17.87 4.95 10.31
N THR A 154 19.13 5.16 9.98
CA THR A 154 20.26 4.42 10.57
C THR A 154 21.05 5.32 11.52
N VAL A 155 21.22 4.86 12.75
CA VAL A 155 21.99 5.60 13.77
C VAL A 155 23.39 4.97 13.91
N THR A 156 24.42 5.80 13.70
CA THR A 156 25.87 5.45 13.73
C THR A 156 26.26 4.31 12.77
N HIS B 7 -15.83 -18.40 14.89
CA HIS B 7 -17.17 -19.03 15.10
C HIS B 7 -17.41 -20.33 14.33
N HIS B 8 -16.92 -20.39 13.11
CA HIS B 8 -17.42 -21.39 12.18
C HIS B 8 -16.32 -22.14 11.48
N HIS B 9 -16.68 -23.34 11.05
CA HIS B 9 -15.84 -24.14 10.20
C HIS B 9 -16.71 -24.64 9.06
N VAL B 10 -16.05 -25.02 7.97
CA VAL B 10 -16.70 -25.56 6.79
C VAL B 10 -16.37 -27.04 6.67
N THR B 11 -17.12 -27.76 5.84
CA THR B 11 -16.75 -29.14 5.51
C THR B 11 -16.10 -29.22 4.14
N ASN B 12 -16.55 -28.40 3.19
CA ASN B 12 -15.88 -28.27 1.90
C ASN B 12 -14.78 -27.25 2.02
N ASP B 13 -13.57 -27.62 1.66
CA ASP B 13 -12.52 -26.63 1.66
C ASP B 13 -12.86 -25.44 0.77
N CYS B 14 -12.44 -24.29 1.25
CA CYS B 14 -12.76 -23.04 0.61
C CYS B 14 -11.93 -22.86 -0.65
N PRO B 15 -12.58 -22.46 -1.75
CA PRO B 15 -11.76 -22.15 -2.92
C PRO B 15 -11.02 -20.83 -2.79
N VAL B 16 -9.89 -20.72 -3.46
CA VAL B 16 -9.23 -19.42 -3.61
C VAL B 16 -9.47 -18.99 -5.05
N THR B 17 -10.35 -18.02 -5.23
CA THR B 17 -10.85 -17.63 -6.54
C THR B 17 -10.21 -16.31 -6.87
N ILE B 18 -9.17 -16.36 -7.68
CA ILE B 18 -8.43 -15.15 -8.04
C ILE B 18 -8.70 -14.84 -9.50
N THR B 19 -8.89 -13.57 -9.81
CA THR B 19 -8.81 -13.10 -11.20
C THR B 19 -7.82 -11.94 -11.31
N THR B 20 -7.29 -11.75 -12.50
CA THR B 20 -6.42 -10.63 -12.78
C THR B 20 -6.81 -9.96 -14.09
N THR B 21 -6.25 -8.78 -14.31
CA THR B 21 -6.28 -8.12 -15.62
C THR B 21 -5.89 -9.09 -16.73
N PRO B 22 -6.62 -9.06 -17.87
CA PRO B 22 -6.22 -9.88 -19.02
C PRO B 22 -4.88 -9.39 -19.58
N PRO B 23 -4.24 -10.22 -20.43
CA PRO B 23 -3.00 -9.76 -21.05
C PRO B 23 -3.16 -8.44 -21.78
N GLN B 24 -2.18 -7.56 -21.66
CA GLN B 24 -2.15 -6.27 -22.34
C GLN B 24 -0.98 -6.19 -23.30
N THR B 25 -1.19 -5.47 -24.41
CA THR B 25 -0.12 -5.14 -25.34
C THR B 25 -0.04 -3.63 -25.47
N VAL B 26 1.19 -3.10 -25.32
CA VAL B 26 1.45 -1.67 -25.48
C VAL B 26 2.62 -1.50 -26.44
N GLY B 27 2.94 -0.25 -26.81
CA GLY B 27 4.15 0.04 -27.57
C GLY B 27 5.20 0.68 -26.69
N VAL B 28 6.47 0.54 -27.04
CA VAL B 28 7.56 1.16 -26.26
C VAL B 28 7.39 2.67 -26.18
N SER B 29 6.84 3.25 -27.24
CA SER B 29 6.62 4.69 -27.30
C SER B 29 5.43 5.15 -26.46
N SER B 30 4.50 4.23 -26.13
CA SER B 30 3.33 4.60 -25.34
C SER B 30 3.74 5.30 -24.05
N THR B 31 2.96 6.30 -23.66
CA THR B 31 3.24 7.06 -22.43
C THR B 31 2.14 6.87 -21.37
N THR B 32 1.07 6.14 -21.72
CA THR B 32 -0.07 5.95 -20.84
C THR B 32 0.30 4.99 -19.71
N PRO B 33 0.03 5.36 -18.43
CA PRO B 33 0.27 4.42 -17.33
C PRO B 33 -0.43 3.08 -17.55
N ILE B 34 0.24 1.99 -17.19
CA ILE B 34 -0.27 0.64 -17.39
C ILE B 34 -0.67 0.08 -16.04
N GLY B 35 -1.95 -0.23 -15.91
CA GLY B 35 -2.47 -0.76 -14.65
C GLY B 35 -2.59 -2.27 -14.69
N PHE B 36 -2.30 -2.88 -13.55
CA PHE B 36 -2.45 -4.31 -13.35
C PHE B 36 -3.19 -4.51 -12.04
N SER B 37 -4.20 -5.36 -12.05
CA SER B 37 -4.92 -5.62 -10.81
C SER B 37 -5.24 -7.07 -10.61
N ALA B 38 -5.46 -7.39 -9.35
CA ALA B 38 -5.84 -8.73 -8.95
C ALA B 38 -6.95 -8.65 -7.95
N LYS B 39 -7.77 -9.67 -7.95
CA LYS B 39 -8.76 -9.76 -6.90
C LYS B 39 -9.02 -11.19 -6.49
N VAL B 40 -9.36 -11.32 -5.21
CA VAL B 40 -9.50 -12.62 -4.61
C VAL B 40 -10.83 -12.69 -3.84
N THR B 41 -11.52 -13.79 -3.98
CA THR B 41 -12.73 -14.07 -3.21
C THR B 41 -12.77 -15.55 -2.91
N THR B 42 -13.86 -15.97 -2.26
CA THR B 42 -14.09 -17.38 -2.00
C THR B 42 -15.61 -17.60 -2.00
N SER B 43 -16.06 -18.81 -1.68
CA SER B 43 -17.49 -19.13 -1.79
C SER B 43 -18.31 -18.36 -0.73
N ASP B 44 -19.61 -18.23 -0.98
CA ASP B 44 -20.50 -17.56 -0.05
C ASP B 44 -20.51 -18.25 1.32
N GLN B 45 -20.52 -19.59 1.38
CA GLN B 45 -20.48 -20.27 2.69
C GLN B 45 -19.16 -20.01 3.40
N CYS B 46 -18.06 -19.95 2.66
CA CYS B 46 -16.78 -19.64 3.29
C CYS B 46 -16.73 -18.22 3.81
N ILE B 47 -17.35 -17.31 3.08
CA ILE B 47 -17.47 -15.94 3.59
C ILE B 47 -18.33 -15.89 4.84
N LYS B 48 -19.46 -16.59 4.85
CA LYS B 48 -20.26 -16.68 6.08
C LYS B 48 -19.45 -17.29 7.26
N ALA B 49 -18.51 -18.17 6.95
CA ALA B 49 -17.69 -18.82 7.98
C ALA B 49 -16.49 -17.97 8.43
N GLY B 50 -16.30 -16.83 7.79
CA GLY B 50 -15.28 -15.86 8.21
C GLY B 50 -13.92 -16.07 7.57
N ALA B 51 -13.91 -16.53 6.33
CA ALA B 51 -12.66 -16.77 5.63
C ALA B 51 -11.88 -15.48 5.37
N LYS B 52 -10.56 -15.61 5.40
CA LYS B 52 -9.62 -14.53 5.17
C LYS B 52 -8.90 -14.86 3.89
N VAL B 53 -8.85 -13.91 2.97
CA VAL B 53 -8.11 -14.08 1.74
C VAL B 53 -6.83 -13.24 1.75
N TRP B 54 -5.88 -13.69 0.94
CA TRP B 54 -4.54 -13.16 0.90
C TRP B 54 -4.08 -12.97 -0.54
N LEU B 55 -3.21 -11.98 -0.71
CA LEU B 55 -2.57 -11.73 -1.99
C LEU B 55 -1.15 -11.28 -1.73
N TRP B 56 -0.22 -11.77 -2.55
CA TRP B 56 1.19 -11.38 -2.43
C TRP B 56 2.00 -11.66 -3.67
N GLY B 57 3.09 -10.91 -3.80
CA GLY B 57 3.97 -11.01 -4.96
C GLY B 57 5.25 -11.73 -4.62
N THR B 58 6.16 -11.80 -5.58
CA THR B 58 7.37 -12.60 -5.47
C THR B 58 8.61 -11.77 -5.17
N GLY B 59 8.44 -10.46 -5.09
CA GLY B 59 9.55 -9.56 -4.90
C GLY B 59 9.94 -9.44 -3.43
N PRO B 60 10.91 -8.57 -3.14
CA PRO B 60 11.29 -8.25 -1.77
C PRO B 60 10.10 -7.72 -1.01
N ALA B 61 9.99 -8.13 0.26
CA ALA B 61 8.83 -7.81 1.11
C ALA B 61 7.49 -8.14 0.42
N ASN B 62 7.49 -9.17 -0.41
CA ASN B 62 6.29 -9.61 -1.13
C ASN B 62 5.68 -8.60 -2.07
N LYS B 63 6.49 -7.65 -2.53
CA LYS B 63 6.08 -6.72 -3.58
C LYS B 63 5.90 -7.46 -4.91
N TRP B 64 5.21 -6.82 -5.85
CA TRP B 64 4.86 -7.46 -7.10
C TRP B 64 5.93 -7.14 -8.14
N VAL B 65 6.34 -8.14 -8.90
CA VAL B 65 7.44 -7.96 -9.86
C VAL B 65 6.98 -8.19 -11.30
N LEU B 66 7.14 -7.17 -12.14
CA LEU B 66 6.93 -7.30 -13.57
C LEU B 66 8.30 -7.59 -14.18
N GLN B 67 8.42 -8.77 -14.78
CA GLN B 67 9.70 -9.29 -15.22
C GLN B 67 9.72 -9.56 -16.72
N HIS B 68 10.68 -8.96 -17.42
CA HIS B 68 10.92 -9.26 -18.83
C HIS B 68 11.36 -10.72 -18.95
N ALA B 69 10.80 -11.43 -19.93
CA ALA B 69 11.04 -12.87 -20.11
C ALA B 69 12.49 -13.24 -20.50
N LYS B 70 13.22 -12.29 -21.10
CA LYS B 70 14.61 -12.55 -21.58
C LYS B 70 15.74 -11.80 -20.86
N VAL B 71 15.47 -10.61 -20.36
CA VAL B 71 16.51 -9.75 -19.80
C VAL B 71 16.27 -9.66 -18.30
N ALA B 72 17.07 -10.40 -17.52
CA ALA B 72 16.90 -10.50 -16.08
C ALA B 72 16.69 -9.17 -15.36
N LYS B 73 17.60 -8.23 -15.56
CA LYS B 73 17.57 -6.97 -14.79
C LYS B 73 16.50 -5.99 -15.26
N GLN B 74 15.82 -6.34 -16.35
CA GLN B 74 14.69 -5.56 -16.83
C GLN B 74 13.43 -5.98 -16.08
N LYS B 75 13.21 -5.33 -14.94
CA LYS B 75 12.08 -5.67 -14.07
C LYS B 75 11.66 -4.44 -13.29
N TYR B 76 10.39 -4.45 -12.87
CA TYR B 76 9.83 -3.39 -12.06
C TYR B 76 9.26 -4.04 -10.82
N THR B 77 9.74 -3.60 -9.67
CA THR B 77 9.23 -4.07 -8.39
C THR B 77 8.24 -3.02 -7.94
N LEU B 78 7.00 -3.44 -7.70
CA LEU B 78 5.86 -2.55 -7.59
C LEU B 78 5.17 -2.74 -6.24
N ASN B 79 4.89 -1.63 -5.59
CA ASN B 79 4.23 -1.64 -4.30
C ASN B 79 2.71 -1.60 -4.55
N PRO B 80 1.98 -2.61 -4.04
CA PRO B 80 0.55 -2.63 -4.29
C PRO B 80 -0.26 -1.61 -3.49
N SER B 81 -1.34 -1.16 -4.10
CA SER B 81 -2.41 -0.42 -3.43
C SER B 81 -3.59 -1.38 -3.30
N ILE B 82 -4.31 -1.28 -2.21
CA ILE B 82 -5.36 -2.26 -1.85
C ILE B 82 -6.64 -1.54 -1.47
N ASP B 83 -7.75 -2.26 -1.51
CA ASP B 83 -9.03 -1.65 -1.20
C ASP B 83 -9.10 -1.26 0.28
N GLY B 84 -9.99 -0.34 0.59
CA GLY B 84 -10.10 0.18 1.94
C GLY B 84 -10.49 -0.83 3.01
N GLY B 85 -11.05 -1.96 2.62
CA GLY B 85 -11.40 -3.03 3.55
C GLY B 85 -10.28 -4.02 3.86
N ALA B 86 -9.16 -3.91 3.15
CA ALA B 86 -8.06 -4.85 3.26
C ALA B 86 -6.99 -4.28 4.16
N ASP B 87 -5.98 -5.08 4.43
CA ASP B 87 -4.88 -4.67 5.30
C ASP B 87 -3.57 -5.28 4.82
N PHE B 88 -2.48 -4.59 5.13
CA PHE B 88 -1.16 -5.17 5.00
C PHE B 88 -0.75 -5.88 6.29
N VAL B 89 0.03 -6.93 6.11
CA VAL B 89 0.62 -7.69 7.21
C VAL B 89 1.47 -6.83 8.15
N ASN B 90 1.29 -7.08 9.44
CA ASN B 90 2.12 -6.50 10.50
C ASN B 90 2.23 -5.00 10.35
N GLN B 91 1.06 -4.36 10.27
CA GLN B 91 0.91 -2.90 10.17
C GLN B 91 1.58 -2.29 8.92
N GLY B 92 2.03 -3.14 7.99
CA GLY B 92 2.65 -2.67 6.77
C GLY B 92 4.16 -2.83 6.69
N THR B 93 4.78 -3.55 7.63
CA THR B 93 6.21 -3.89 7.54
C THR B 93 6.48 -4.86 6.38
N ASP B 94 5.43 -5.53 5.93
CA ASP B 94 5.48 -6.42 4.80
C ASP B 94 4.38 -6.00 3.84
N ALA B 95 4.54 -6.27 2.54
CA ALA B 95 3.52 -5.93 1.54
C ALA B 95 2.47 -7.01 1.31
N LYS B 96 2.59 -8.14 2.00
CA LYS B 96 1.58 -9.19 1.90
C LYS B 96 0.22 -8.65 2.37
N ILE B 97 -0.82 -8.98 1.63
CA ILE B 97 -2.14 -8.38 1.84
C ILE B 97 -3.13 -9.43 2.36
N TYR B 98 -3.97 -9.05 3.33
CA TYR B 98 -5.11 -9.89 3.71
C TYR B 98 -6.41 -9.10 3.80
N LYS B 99 -7.51 -9.84 3.79
CA LYS B 99 -8.80 -9.24 4.05
C LYS B 99 -9.73 -10.29 4.64
N LYS B 100 -10.33 -9.96 5.78
CA LYS B 100 -11.44 -10.74 6.28
C LYS B 100 -12.71 -10.34 5.48
N LEU B 101 -13.18 -11.27 4.67
CA LEU B 101 -14.35 -11.03 3.83
C LEU B 101 -15.65 -11.06 4.63
N THR B 102 -16.63 -10.29 4.16
CA THR B 102 -17.99 -10.35 4.70
C THR B 102 -18.97 -10.43 3.56
N SER B 103 -20.20 -10.79 3.89
CA SER B 103 -21.25 -10.93 2.88
C SER B 103 -21.50 -9.64 2.09
N GLY B 104 -21.26 -8.48 2.69
CA GLY B 104 -21.39 -7.21 1.98
C GLY B 104 -20.11 -6.68 1.37
N ASN B 105 -19.04 -7.46 1.44
CA ASN B 105 -17.72 -7.02 1.02
C ASN B 105 -16.88 -8.27 0.72
N LYS B 106 -17.08 -8.81 -0.47
CA LYS B 106 -16.73 -10.17 -0.77
C LYS B 106 -15.39 -10.30 -1.49
N PHE B 107 -14.80 -9.17 -1.88
CA PHE B 107 -13.59 -9.18 -2.69
C PHE B 107 -12.44 -8.44 -2.03
N LEU B 108 -11.25 -9.03 -2.14
CA LEU B 108 -10.00 -8.35 -1.93
C LEU B 108 -9.49 -7.86 -3.28
N ASN B 109 -9.33 -6.55 -3.42
CA ASN B 109 -8.84 -5.94 -4.66
C ASN B 109 -7.53 -5.24 -4.40
N ALA B 110 -6.56 -5.46 -5.28
CA ALA B 110 -5.28 -4.78 -5.21
C ALA B 110 -4.78 -4.44 -6.61
N SER B 111 -3.95 -3.41 -6.68
CA SER B 111 -3.45 -2.96 -7.97
C SER B 111 -2.03 -2.39 -7.88
N VAL B 112 -1.36 -2.39 -9.04
CA VAL B 112 -0.07 -1.70 -9.23
C VAL B 112 -0.16 -1.00 -10.58
N SER B 113 0.77 -0.08 -10.80
CA SER B 113 0.83 0.72 -12.01
C SER B 113 2.27 0.85 -12.47
N VAL B 114 2.46 0.80 -13.78
CA VAL B 114 3.76 1.09 -14.39
C VAL B 114 3.59 2.30 -15.29
N ASN B 115 4.45 3.29 -15.10
CA ASN B 115 4.43 4.50 -15.90
C ASN B 115 5.60 4.44 -16.88
N PRO B 116 5.31 4.20 -18.18
CA PRO B 116 6.39 3.95 -19.15
C PRO B 116 7.45 5.06 -19.26
N LYS B 117 7.19 6.22 -18.65
CA LYS B 117 8.18 7.30 -18.57
C LYS B 117 9.36 6.95 -17.66
N THR B 118 9.09 6.61 -16.40
CA THR B 118 10.16 6.16 -15.49
C THR B 118 10.71 4.80 -15.92
N GLN B 119 9.86 3.99 -16.52
CA GLN B 119 10.16 2.58 -16.78
C GLN B 119 11.20 2.33 -17.86
N VAL B 120 10.92 2.85 -19.05
CA VAL B 120 11.64 2.53 -20.28
C VAL B 120 11.45 1.05 -20.67
N LEU B 121 10.24 0.72 -21.11
CA LEU B 121 9.96 -0.65 -21.49
C LEU B 121 10.76 -1.02 -22.73
N ILE B 122 11.21 -2.26 -22.78
CA ILE B 122 11.84 -2.80 -23.97
C ILE B 122 10.88 -3.80 -24.59
N PRO B 123 10.94 -3.98 -25.92
CA PRO B 123 10.04 -4.92 -26.58
C PRO B 123 10.09 -6.33 -26.00
N GLY B 124 8.98 -7.04 -26.14
CA GLY B 124 8.91 -8.46 -25.77
C GLY B 124 7.93 -8.74 -24.67
N GLU B 125 8.09 -9.90 -24.03
CA GLU B 125 7.13 -10.38 -23.04
C GLU B 125 7.56 -10.07 -21.63
N TYR B 126 6.60 -9.59 -20.83
CA TYR B 126 6.77 -9.45 -19.39
C TYR B 126 5.70 -10.26 -18.70
N THR B 127 6.04 -10.76 -17.51
CA THR B 127 5.09 -11.47 -16.68
C THR B 127 5.20 -11.04 -15.23
N MET B 128 4.09 -11.18 -14.50
CA MET B 128 4.06 -10.82 -13.09
C MET B 128 3.27 -11.89 -12.35
N ILE B 129 3.97 -12.58 -11.45
CA ILE B 129 3.44 -13.71 -10.71
C ILE B 129 2.80 -13.22 -9.42
N LEU B 130 1.54 -13.58 -9.21
CA LEU B 130 0.89 -13.29 -7.94
C LEU B 130 0.46 -14.56 -7.25
N HIS B 131 0.60 -14.59 -5.93
CA HIS B 131 0.09 -15.65 -5.10
C HIS B 131 -1.17 -15.18 -4.40
N ALA B 132 -2.09 -16.11 -4.19
CA ALA B 132 -3.31 -15.85 -3.43
C ALA B 132 -3.62 -17.03 -2.54
N ALA B 133 -4.30 -16.77 -1.44
CA ALA B 133 -4.73 -17.84 -0.55
C ALA B 133 -6.04 -17.52 0.14
N VAL B 134 -6.63 -18.57 0.69
CA VAL B 134 -7.78 -18.44 1.59
C VAL B 134 -7.46 -19.25 2.85
N ASP B 135 -7.70 -18.63 4.01
CA ASP B 135 -7.57 -19.29 5.32
C ASP B 135 -8.95 -19.49 5.85
N PHE B 136 -9.18 -20.67 6.42
CA PHE B 136 -10.48 -21.07 6.96
C PHE B 136 -10.29 -22.16 7.98
N ASP B 137 -11.37 -22.52 8.65
CA ASP B 137 -11.35 -23.68 9.51
C ASP B 137 -12.17 -24.78 8.89
N ASN B 138 -11.64 -26.00 8.97
CA ASN B 138 -12.38 -27.18 8.64
C ASN B 138 -12.39 -28.11 9.84
N LYS B 139 -12.65 -29.39 9.64
CA LYS B 139 -12.78 -30.30 10.78
C LYS B 139 -11.45 -30.62 11.50
N GLN B 140 -10.33 -30.33 10.84
CA GLN B 140 -9.02 -30.49 11.45
C GLN B 140 -8.44 -29.16 11.95
N GLY B 141 -9.29 -28.13 12.02
CA GLY B 141 -8.85 -26.82 12.48
C GLY B 141 -8.39 -25.90 11.36
N GLY B 142 -7.39 -25.06 11.65
CA GLY B 142 -6.94 -24.06 10.68
C GLY B 142 -6.45 -24.73 9.40
N ALA B 143 -6.86 -24.20 8.27
CA ALA B 143 -6.48 -24.73 6.98
C ALA B 143 -6.35 -23.58 6.00
N SER B 144 -5.74 -23.88 4.86
CA SER B 144 -5.64 -22.89 3.81
C SER B 144 -5.42 -23.55 2.47
N GLN B 145 -5.85 -22.84 1.44
CA GLN B 145 -5.56 -23.22 0.07
C GLN B 145 -4.97 -22.01 -0.60
N GLN B 146 -4.03 -22.26 -1.50
CA GLN B 146 -3.29 -21.21 -2.16
C GLN B 146 -3.11 -21.56 -3.63
N THR B 147 -2.89 -20.53 -4.43
CA THR B 147 -2.71 -20.70 -5.87
C THR B 147 -1.90 -19.53 -6.38
N THR B 148 -1.62 -19.56 -7.67
CA THR B 148 -0.94 -18.44 -8.34
C THR B 148 -1.63 -18.12 -9.65
N GLN B 149 -1.42 -16.89 -10.11
CA GLN B 149 -1.84 -16.51 -11.45
C GLN B 149 -0.77 -15.58 -11.99
N THR B 150 -0.58 -15.59 -13.30
CA THR B 150 0.44 -14.77 -13.95
C THR B 150 -0.22 -13.74 -14.83
N ILE B 151 0.15 -12.48 -14.59
CA ILE B 151 -0.30 -11.33 -15.37
C ILE B 151 0.74 -11.11 -16.48
N ARG B 152 0.23 -10.77 -17.67
CA ARG B 152 1.07 -10.63 -18.87
C ARG B 152 1.02 -9.24 -19.49
N LEU B 153 2.19 -8.81 -19.95
CA LEU B 153 2.31 -7.60 -20.74
C LEU B 153 3.24 -7.89 -21.90
N THR B 154 2.77 -7.61 -23.11
CA THR B 154 3.56 -7.70 -24.31
C THR B 154 3.85 -6.29 -24.78
N VAL B 155 5.11 -6.05 -25.12
CA VAL B 155 5.53 -4.74 -25.62
C VAL B 155 5.99 -4.92 -27.07
N THR B 156 5.29 -4.29 -28.00
CA THR B 156 5.57 -4.44 -29.42
C THR B 156 5.94 -3.10 -30.03
C1 GOL C . 11.10 0.89 1.29
O1 GOL C . 11.62 0.30 2.47
C2 GOL C . 12.18 1.31 0.33
O2 GOL C . 13.16 2.13 0.96
C3 GOL C . 11.49 2.04 -0.80
O3 GOL C . 10.91 3.26 -0.32
C1 GOL D . -1.91 -17.29 4.16
O1 GOL D . -1.71 -18.60 4.70
C2 GOL D . -0.63 -16.46 4.24
O2 GOL D . -0.15 -16.40 5.60
C3 GOL D . 0.42 -17.08 3.34
O3 GOL D . 1.56 -16.22 3.39
#